data_8PZ7
#
_entry.id   8PZ7
#
_cell.length_a   66.240
_cell.length_b   66.240
_cell.length_c   264.040
_cell.angle_alpha   90.00
_cell.angle_beta   90.00
_cell.angle_gamma   120.00
#
_symmetry.space_group_name_H-M   'P 65 2 2'
#
loop_
_entity.id
_entity.type
_entity.pdbx_description
1 polymer 'Vitamin D3 receptor A'
2 polymer 'Nuclear receptor coactivator 2'
3 non-polymer (1~{R},3~{R})-5-[(2~{E})-2-[(4~{a}~{R},5~{R},9~{a}~{S})-4~{a}-methyl-5-[(2~{R})-6-methyl-6-oxidanyl-heptan-2-yl]-3,4,5,8,9,9~{a}-hexahydro-2~{H}-benzo[7]annulen-1-ylidene]ethylidene]-2-methyl-cyclohexane-1,3-diol
4 water water
#
loop_
_entity_poly.entity_id
_entity_poly.type
_entity_poly.pdbx_seq_one_letter_code
_entity_poly.pdbx_strand_id
1 'polypeptide(L)'
;GSHMLSDEQMQIINSLVEAHHKTYDDSYSDFVRFRPPVREGPVTRSASRAASLHSLSDASSDSFNHSPESVDTKLNFSNL
LMMYQDSGSPDSSEEDQQSRLSMLPHLADLVSYSIQKVIGFAKMIPGFRDLTAEDQIALLKSSAIEIIMLRSNQSFSLED
MSWSCGGPDFKYCINDVTKAGHTLELLEPLVKFQVGLKKLKLHEEEHVLLMAICLLSPDRPGVQDHVRIEALQDRLCDVL
QAYIRIQHPGGRLLYAKMIQKLADLRSLNEEHSKQYRSLSFQPEHSMQLTPLVLEVFGSEVS
;
A
2 'polypeptide(L)' KHKILHRLLQDSS B
#
loop_
_chem_comp.id
_chem_comp.type
_chem_comp.name
_chem_comp.formula
IG0 non-polymer (1~{R},3~{R})-5-[(2~{E})-2-[(4~{a}~{R},5~{R},9~{a}~{S})-4~{a}-methyl-5-[(2~{R})-6-methyl-6-oxidanyl-heptan-2-yl]-3,4,5,8,9,9~{a}-hexahydro-2~{H}-benzo[7]annulen-1-ylidene]ethylidene]-2-methyl-cyclohexane-1,3-diol 'C29 H50 O3'
#
# COMPACT_ATOMS: atom_id res chain seq x y z
N MET A 4 -4.78 -10.22 27.96
CA MET A 4 -5.36 -11.19 27.03
C MET A 4 -6.28 -10.57 25.97
N LEU A 5 -6.03 -10.94 24.70
CA LEU A 5 -6.83 -10.50 23.56
C LEU A 5 -8.21 -11.16 23.56
N SER A 6 -9.16 -10.50 22.90
CA SER A 6 -10.53 -10.96 22.86
C SER A 6 -10.71 -12.03 21.80
N ASP A 7 -11.90 -12.62 21.77
CA ASP A 7 -12.22 -13.63 20.77
C ASP A 7 -12.44 -12.98 19.40
N GLU A 8 -13.34 -12.00 19.32
CA GLU A 8 -13.56 -11.28 18.07
C GLU A 8 -12.34 -10.49 17.65
N GLN A 9 -11.54 -10.02 18.61
CA GLN A 9 -10.25 -9.41 18.28
C GLN A 9 -9.34 -10.40 17.56
N MET A 10 -9.27 -11.62 18.09
CA MET A 10 -8.51 -12.66 17.43
C MET A 10 -9.10 -13.01 16.08
N GLN A 11 -10.43 -12.99 15.94
CA GLN A 11 -11.05 -13.27 14.66
C GLN A 11 -10.64 -12.23 13.61
N ILE A 12 -10.51 -10.97 14.01
CA ILE A 12 -10.11 -9.93 13.06
C ILE A 12 -8.68 -10.14 12.59
N ILE A 13 -7.77 -10.48 13.51
CA ILE A 13 -6.39 -10.78 13.12
C ILE A 13 -6.34 -11.99 12.19
N ASN A 14 -7.10 -13.04 12.50
CA ASN A 14 -7.07 -14.24 11.67
C ASN A 14 -7.56 -13.96 10.25
N SER A 15 -8.64 -13.18 10.14
CA SER A 15 -9.19 -12.91 8.82
C SER A 15 -8.33 -11.92 8.07
N LEU A 16 -7.59 -11.09 8.78
CA LEU A 16 -6.74 -10.13 8.10
C LEU A 16 -5.44 -10.76 7.62
N VAL A 17 -4.84 -11.63 8.44
CA VAL A 17 -3.65 -12.36 8.02
C VAL A 17 -3.94 -13.19 6.78
N GLU A 18 -5.12 -13.81 6.75
CA GLU A 18 -5.48 -14.65 5.62
C GLU A 18 -5.64 -13.83 4.35
N ALA A 19 -6.32 -12.68 4.47
CA ALA A 19 -6.43 -11.76 3.35
C ALA A 19 -5.06 -11.41 2.76
N HIS A 20 -4.07 -11.20 3.63
CA HIS A 20 -2.75 -10.87 3.14
C HIS A 20 -2.10 -12.05 2.42
N HIS A 21 -2.29 -13.26 2.95
CA HIS A 21 -1.73 -14.44 2.30
C HIS A 21 -2.37 -14.71 0.95
N LYS A 22 -3.66 -14.40 0.80
CA LYS A 22 -4.31 -14.61 -0.48
C LYS A 22 -3.87 -13.57 -1.51
N THR A 23 -3.44 -12.39 -1.06
CA THR A 23 -3.09 -11.30 -1.97
C THR A 23 -1.61 -10.95 -1.95
N TYR A 24 -0.77 -11.79 -1.35
CA TYR A 24 0.68 -11.57 -1.43
C TYR A 24 1.39 -12.81 -1.93
N ASP A 25 1.97 -12.71 -3.10
CA ASP A 25 2.67 -13.80 -3.75
C ASP A 25 4.14 -13.73 -3.32
N ASP A 26 4.50 -14.54 -2.32
CA ASP A 26 5.86 -14.56 -1.80
C ASP A 26 6.89 -14.99 -2.85
N SER A 27 6.44 -15.54 -3.98
CA SER A 27 7.33 -15.98 -5.06
C SER A 27 7.57 -14.93 -6.13
N TYR A 28 6.84 -13.81 -6.10
CA TYR A 28 6.99 -12.71 -7.06
C TYR A 28 7.03 -13.24 -8.49
N SER A 29 6.27 -14.30 -8.75
CA SER A 29 6.42 -15.02 -9.99
C SER A 29 5.68 -14.35 -11.14
N ASP A 30 4.56 -13.70 -10.86
CA ASP A 30 3.86 -12.93 -11.89
C ASP A 30 4.66 -11.75 -12.41
N PHE A 31 5.90 -11.54 -11.97
CA PHE A 31 6.69 -10.40 -12.43
C PHE A 31 7.25 -10.63 -13.83
N VAL A 32 7.43 -11.90 -14.20
CA VAL A 32 7.81 -12.25 -15.56
C VAL A 32 6.74 -11.83 -16.58
N ARG A 33 5.50 -11.62 -16.13
CA ARG A 33 4.43 -11.19 -17.01
C ARG A 33 4.37 -9.68 -17.22
N PHE A 34 5.23 -8.89 -16.58
CA PHE A 34 5.23 -7.46 -16.82
C PHE A 34 6.09 -7.12 -18.03
N ARG A 35 5.97 -5.89 -18.49
CA ARG A 35 6.90 -5.37 -19.47
C ARG A 35 8.29 -5.31 -18.86
N PRO A 36 9.30 -5.85 -19.53
CA PRO A 36 10.58 -6.10 -18.87
C PRO A 36 11.25 -4.82 -18.38
N PRO A 37 12.04 -4.90 -17.32
CA PRO A 37 12.85 -3.75 -16.92
C PRO A 37 13.92 -3.42 -17.96
N VAL A 38 14.31 -2.13 -18.00
CA VAL A 38 15.36 -1.66 -18.90
C VAL A 38 16.22 -0.64 -18.17
N ARG A 39 17.53 -0.72 -18.36
CA ARG A 39 18.45 0.28 -17.78
C ARG A 39 19.79 0.29 -18.51
N ARG A 100 14.11 9.40 -21.87
CA ARG A 100 14.01 7.95 -21.99
C ARG A 100 12.92 7.37 -21.07
N LEU A 101 13.17 7.39 -19.76
CA LEU A 101 12.33 6.78 -18.72
C LEU A 101 12.24 5.26 -18.87
N SER A 102 13.40 4.60 -18.85
CA SER A 102 13.48 3.21 -19.27
C SER A 102 12.70 2.27 -18.35
N MET A 103 12.58 2.62 -17.06
CA MET A 103 11.94 1.75 -16.08
C MET A 103 10.47 2.09 -15.87
N LEU A 104 9.96 3.12 -16.54
CA LEU A 104 8.54 3.45 -16.41
C LEU A 104 7.61 2.32 -16.81
N PRO A 105 7.77 1.67 -17.98
CA PRO A 105 6.83 0.56 -18.29
C PRO A 105 6.79 -0.54 -17.25
N HIS A 106 7.95 -1.07 -16.83
CA HIS A 106 7.96 -2.18 -15.86
C HIS A 106 7.40 -1.76 -14.51
N LEU A 107 7.69 -0.55 -14.05
CA LEU A 107 7.20 -0.16 -12.74
C LEU A 107 5.75 0.31 -12.80
N ALA A 108 5.30 0.80 -13.96
CA ALA A 108 3.87 1.02 -14.16
C ALA A 108 3.11 -0.29 -14.03
N ASP A 109 3.60 -1.34 -14.68
CA ASP A 109 3.00 -2.66 -14.55
C ASP A 109 3.11 -3.19 -13.12
N LEU A 110 4.20 -2.89 -12.42
CA LEU A 110 4.29 -3.29 -11.01
C LEU A 110 3.17 -2.63 -10.19
N VAL A 111 3.03 -1.31 -10.28
CA VAL A 111 2.01 -0.62 -9.50
C VAL A 111 0.62 -1.13 -9.86
N SER A 112 0.35 -1.27 -11.16
CA SER A 112 -0.95 -1.76 -11.60
C SER A 112 -1.24 -3.14 -11.01
N TYR A 113 -0.26 -4.04 -11.05
CA TYR A 113 -0.44 -5.35 -10.45
C TYR A 113 -0.79 -5.20 -8.98
N SER A 114 -0.01 -4.41 -8.28
CA SER A 114 -0.20 -4.23 -6.86
C SER A 114 -1.54 -3.61 -6.49
N ILE A 115 -2.07 -2.76 -7.34
CA ILE A 115 -3.38 -2.18 -7.07
C ILE A 115 -4.44 -3.27 -6.99
N GLN A 116 -4.36 -4.27 -7.88
CA GLN A 116 -5.35 -5.34 -7.86
C GLN A 116 -5.20 -6.21 -6.63
N LYS A 117 -3.99 -6.34 -6.12
CA LYS A 117 -3.79 -7.06 -4.87
C LYS A 117 -4.36 -6.27 -3.69
N VAL A 118 -4.16 -4.96 -3.70
CA VAL A 118 -4.68 -4.09 -2.63
C VAL A 118 -6.21 -4.11 -2.63
N ILE A 119 -6.82 -4.14 -3.82
CA ILE A 119 -8.29 -4.26 -3.87
C ILE A 119 -8.74 -5.61 -3.32
N GLY A 120 -8.04 -6.68 -3.69
CA GLY A 120 -8.41 -7.98 -3.15
C GLY A 120 -8.26 -8.07 -1.65
N PHE A 121 -7.22 -7.43 -1.09
CA PHE A 121 -7.05 -7.36 0.35
C PHE A 121 -8.18 -6.58 1.00
N ALA A 122 -8.49 -5.40 0.46
CA ALA A 122 -9.55 -4.55 1.00
C ALA A 122 -10.89 -5.27 1.02
N LYS A 123 -11.24 -5.94 -0.10
CA LYS A 123 -12.47 -6.71 -0.22
C LYS A 123 -12.64 -7.75 0.88
N MET A 124 -11.54 -8.12 1.55
CA MET A 124 -11.57 -9.11 2.61
C MET A 124 -11.38 -8.52 4.00
N ILE A 125 -11.23 -7.21 4.10
CA ILE A 125 -11.24 -6.60 5.43
C ILE A 125 -12.67 -6.65 5.98
N PRO A 126 -12.88 -7.19 7.18
CA PRO A 126 -14.23 -7.28 7.73
C PRO A 126 -14.92 -5.93 7.80
N GLY A 127 -16.01 -5.79 7.04
CA GLY A 127 -16.84 -4.61 7.07
C GLY A 127 -16.55 -3.61 5.97
N PHE A 128 -15.36 -3.65 5.38
CA PHE A 128 -15.09 -2.82 4.21
C PHE A 128 -16.08 -3.13 3.10
N ARG A 129 -16.40 -4.42 2.92
CA ARG A 129 -17.35 -4.83 1.88
C ARG A 129 -18.73 -4.21 2.09
N ASP A 130 -19.09 -3.92 3.33
CA ASP A 130 -20.42 -3.39 3.61
C ASP A 130 -20.53 -1.89 3.41
N LEU A 131 -19.45 -1.21 3.06
CA LEU A 131 -19.53 0.21 2.75
C LEU A 131 -20.14 0.39 1.37
N THR A 132 -20.76 1.55 1.15
CA THR A 132 -21.30 1.81 -0.18
C THR A 132 -20.15 1.86 -1.19
N ALA A 133 -20.48 1.54 -2.45
CA ALA A 133 -19.44 1.40 -3.47
C ALA A 133 -18.67 2.70 -3.68
N GLU A 134 -19.32 3.84 -3.46
CA GLU A 134 -18.63 5.11 -3.57
C GLU A 134 -17.50 5.20 -2.56
N ASP A 135 -17.83 4.97 -1.28
CA ASP A 135 -16.83 5.07 -0.21
C ASP A 135 -15.67 4.11 -0.43
N GLN A 136 -15.96 2.89 -0.87
CA GLN A 136 -14.88 1.95 -1.16
C GLN A 136 -13.94 2.48 -2.23
N ILE A 137 -14.49 3.15 -3.25
CA ILE A 137 -13.65 3.79 -4.26
C ILE A 137 -12.87 4.96 -3.65
N ALA A 138 -13.51 5.81 -2.87
CA ALA A 138 -12.82 6.98 -2.34
C ALA A 138 -11.64 6.58 -1.44
N LEU A 139 -11.79 5.48 -0.69
CA LEU A 139 -10.71 5.00 0.18
C LEU A 139 -9.58 4.40 -0.65
N LEU A 140 -9.93 3.54 -1.61
CA LEU A 140 -8.91 2.95 -2.48
C LEU A 140 -8.19 4.00 -3.32
N LYS A 141 -8.94 4.92 -3.93
CA LYS A 141 -8.32 5.94 -4.77
C LYS A 141 -7.28 6.76 -4.01
N SER A 142 -7.46 6.98 -2.72
CA SER A 142 -6.53 7.81 -1.97
C SER A 142 -5.50 7.01 -1.17
N SER A 143 -5.80 5.78 -0.78
CA SER A 143 -4.83 5.06 0.03
C SER A 143 -4.03 4.03 -0.74
N ALA A 144 -4.45 3.66 -1.95
CA ALA A 144 -3.75 2.63 -2.73
C ALA A 144 -2.24 2.79 -2.69
N ILE A 145 -1.73 3.99 -2.96
CA ILE A 145 -0.29 4.16 -3.03
C ILE A 145 0.34 3.94 -1.67
N GLU A 146 -0.39 4.27 -0.60
CA GLU A 146 0.14 4.10 0.75
C GLU A 146 0.18 2.63 1.12
N ILE A 147 -0.84 1.87 0.73
CA ILE A 147 -0.82 0.44 1.04
C ILE A 147 0.24 -0.27 0.22
N ILE A 148 0.53 0.24 -0.98
CA ILE A 148 1.59 -0.34 -1.80
C ILE A 148 2.96 -0.06 -1.19
N MET A 149 3.19 1.16 -0.68
CA MET A 149 4.43 1.45 0.03
C MET A 149 4.52 0.62 1.31
N LEU A 150 3.39 0.29 1.88
CA LEU A 150 3.36 -0.47 3.11
C LEU A 150 3.72 -1.93 2.93
N ARG A 151 3.11 -2.54 1.93
CA ARG A 151 3.32 -3.96 1.64
C ARG A 151 4.63 -4.24 1.01
N SER A 152 5.18 -3.23 0.39
CA SER A 152 6.44 -3.38 -0.31
C SER A 152 7.57 -3.50 0.71
N ASN A 153 7.34 -3.16 1.98
CA ASN A 153 8.33 -3.41 3.00
C ASN A 153 8.71 -4.89 3.05
N GLN A 154 7.77 -5.78 2.72
CA GLN A 154 8.04 -7.21 2.79
C GLN A 154 9.20 -7.62 1.89
N SER A 155 9.33 -7.01 0.70
CA SER A 155 10.44 -7.28 -0.19
C SER A 155 11.63 -6.33 0.03
N PHE A 156 11.48 -5.30 0.85
CA PHE A 156 12.59 -4.40 1.11
C PHE A 156 13.65 -5.09 1.97
N SER A 157 14.90 -4.72 1.75
CA SER A 157 15.99 -5.35 2.46
C SER A 157 16.93 -4.26 2.93
N LEU A 158 17.18 -4.22 4.25
CA LEU A 158 18.20 -3.34 4.81
C LEU A 158 19.58 -3.68 4.26
N GLU A 159 19.80 -4.96 3.94
CA GLU A 159 21.12 -5.42 3.53
C GLU A 159 21.53 -4.85 2.18
N ASP A 160 20.58 -4.72 1.26
CA ASP A 160 20.84 -4.12 -0.05
C ASP A 160 20.45 -2.65 -0.14
N MET A 161 19.42 -2.23 0.60
CA MET A 161 18.69 -0.97 0.38
C MET A 161 17.96 -0.99 -0.95
N SER A 162 17.48 -2.17 -1.35
CA SER A 162 16.68 -2.33 -2.54
C SER A 162 15.52 -3.25 -2.22
N TRP A 163 14.62 -3.44 -3.20
CA TRP A 163 13.50 -4.36 -3.09
C TRP A 163 13.81 -5.63 -3.87
N SER A 164 14.12 -6.71 -3.16
CA SER A 164 14.46 -7.99 -3.80
C SER A 164 13.19 -8.81 -4.00
N CYS A 165 12.68 -8.84 -5.23
CA CYS A 165 11.44 -9.54 -5.56
C CYS A 165 11.73 -10.81 -6.36
N GLY A 166 12.38 -11.76 -5.71
CA GLY A 166 12.60 -13.05 -6.31
C GLY A 166 13.88 -13.13 -7.12
N GLY A 167 13.79 -12.87 -8.42
CA GLY A 167 14.90 -13.05 -9.31
C GLY A 167 15.84 -11.87 -9.31
N PRO A 168 16.88 -11.95 -10.14
CA PRO A 168 17.88 -10.86 -10.18
C PRO A 168 17.40 -9.61 -10.92
N ASP A 169 16.66 -9.74 -12.02
CA ASP A 169 16.20 -8.56 -12.74
C ASP A 169 15.08 -7.81 -12.02
N PHE A 170 14.42 -8.44 -11.05
CA PHE A 170 13.38 -7.81 -10.25
C PHE A 170 13.91 -7.30 -8.90
N LYS A 171 15.16 -6.85 -8.87
CA LYS A 171 15.73 -6.18 -7.72
C LYS A 171 15.85 -4.71 -8.09
N TYR A 172 15.01 -3.87 -7.49
CA TYR A 172 14.99 -2.46 -7.79
C TYR A 172 15.74 -1.70 -6.70
N CYS A 173 16.92 -1.19 -7.02
CA CYS A 173 17.56 -0.26 -6.13
C CYS A 173 17.14 1.16 -6.49
N ILE A 174 17.80 2.15 -5.90
CA ILE A 174 17.32 3.53 -5.98
C ILE A 174 17.50 4.11 -7.36
N ASN A 175 18.53 3.67 -8.10
CA ASN A 175 18.76 4.23 -9.42
C ASN A 175 17.75 3.71 -10.43
N ASP A 176 17.25 2.48 -10.24
CA ASP A 176 16.16 1.97 -11.05
C ASP A 176 14.95 2.90 -11.00
N VAL A 177 14.61 3.35 -9.79
CA VAL A 177 13.36 4.07 -9.57
C VAL A 177 13.41 5.50 -10.07
N THR A 178 14.61 6.08 -10.23
CA THR A 178 14.71 7.40 -10.85
C THR A 178 14.44 7.33 -12.35
N LYS A 179 14.83 6.23 -13.00
CA LYS A 179 14.54 6.01 -14.41
C LYS A 179 13.06 5.74 -14.68
N ALA A 180 12.19 5.80 -13.67
CA ALA A 180 10.76 5.72 -13.87
C ALA A 180 10.08 7.08 -13.72
N GLY A 181 10.84 8.16 -13.87
CA GLY A 181 10.28 9.49 -13.87
C GLY A 181 10.05 10.12 -12.53
N HIS A 182 10.78 9.71 -11.49
CA HIS A 182 10.60 10.27 -10.15
C HIS A 182 11.93 10.80 -9.64
N THR A 183 11.85 11.89 -8.89
CA THR A 183 13.05 12.53 -8.41
C THR A 183 13.40 12.05 -7.01
N LEU A 184 14.58 12.44 -6.54
CA LEU A 184 15.00 11.99 -5.22
C LEU A 184 14.18 12.64 -4.13
N GLU A 185 13.47 13.74 -4.41
CA GLU A 185 12.62 14.28 -3.37
C GLU A 185 11.42 13.39 -3.07
N LEU A 186 11.19 12.34 -3.86
CA LEU A 186 10.28 11.27 -3.46
C LEU A 186 11.05 10.05 -2.96
N LEU A 187 12.14 9.69 -3.63
CA LEU A 187 12.84 8.47 -3.27
C LEU A 187 13.60 8.60 -1.94
N GLU A 188 14.15 9.78 -1.61
CA GLU A 188 14.77 9.93 -0.30
C GLU A 188 13.75 9.62 0.79
N PRO A 189 12.67 10.39 0.95
CA PRO A 189 11.69 10.03 1.99
C PRO A 189 11.14 8.62 1.86
N LEU A 190 11.15 8.02 0.66
CA LEU A 190 10.61 6.68 0.52
C LEU A 190 11.57 5.63 1.08
N VAL A 191 12.85 5.69 0.70
CA VAL A 191 13.80 4.67 1.15
C VAL A 191 13.99 4.76 2.66
N LYS A 192 14.13 5.99 3.16
CA LYS A 192 14.18 6.25 4.60
C LYS A 192 12.99 5.62 5.32
N PHE A 193 11.78 5.86 4.80
CA PHE A 193 10.58 5.27 5.36
C PHE A 193 10.70 3.76 5.48
N GLN A 194 11.31 3.12 4.49
CA GLN A 194 11.36 1.67 4.46
C GLN A 194 12.32 1.12 5.50
N VAL A 195 13.46 1.78 5.71
CA VAL A 195 14.36 1.29 6.76
C VAL A 195 13.79 1.62 8.13
N GLY A 196 13.02 2.71 8.24
CA GLY A 196 12.30 2.96 9.48
C GLY A 196 11.31 1.85 9.78
N LEU A 197 10.46 1.53 8.81
CA LEU A 197 9.47 0.48 9.02
C LEU A 197 10.13 -0.88 9.19
N LYS A 198 11.28 -1.09 8.54
CA LYS A 198 11.97 -2.36 8.64
C LYS A 198 12.61 -2.54 10.00
N LYS A 199 13.08 -1.45 10.61
CA LYS A 199 13.69 -1.50 11.94
C LYS A 199 12.68 -1.77 13.05
N LEU A 200 11.39 -1.52 12.80
CA LEU A 200 10.36 -1.83 13.78
C LEU A 200 10.13 -3.32 13.96
N LYS A 201 10.81 -4.17 13.18
CA LYS A 201 10.60 -5.62 13.19
C LYS A 201 9.16 -6.03 13.48
N LEU A 202 8.21 -5.52 12.68
CA LEU A 202 6.80 -5.78 12.94
C LEU A 202 6.46 -7.26 12.78
N HIS A 203 5.62 -7.76 13.68
CA HIS A 203 5.03 -9.08 13.49
C HIS A 203 4.14 -9.05 12.26
N GLU A 204 3.93 -10.23 11.67
CA GLU A 204 3.00 -10.31 10.55
C GLU A 204 1.64 -9.75 10.92
N GLU A 205 1.17 -10.06 12.13
CA GLU A 205 -0.12 -9.60 12.61
C GLU A 205 -0.20 -8.09 12.66
N GLU A 206 0.91 -7.41 12.93
CA GLU A 206 0.92 -5.95 13.03
C GLU A 206 1.03 -5.30 11.65
N HIS A 207 1.86 -5.87 10.78
CA HIS A 207 2.01 -5.33 9.44
C HIS A 207 0.67 -5.30 8.72
N VAL A 208 -0.07 -6.41 8.83
CA VAL A 208 -1.41 -6.54 8.27
C VAL A 208 -2.40 -5.56 8.90
N LEU A 209 -2.38 -5.42 10.22
CA LEU A 209 -3.30 -4.48 10.86
C LEU A 209 -3.01 -3.04 10.44
N LEU A 210 -1.75 -2.70 10.20
CA LEU A 210 -1.41 -1.34 9.85
C LEU A 210 -1.96 -0.98 8.47
N MET A 211 -1.87 -1.92 7.52
CA MET A 211 -2.47 -1.71 6.20
C MET A 211 -3.97 -1.48 6.31
N ALA A 212 -4.65 -2.29 7.13
CA ALA A 212 -6.09 -2.17 7.24
C ALA A 212 -6.48 -0.84 7.87
N ILE A 213 -5.62 -0.28 8.71
CA ILE A 213 -5.95 0.96 9.39
C ILE A 213 -5.67 2.15 8.48
N CYS A 214 -4.64 2.03 7.63
CA CYS A 214 -4.37 3.04 6.62
C CYS A 214 -5.49 3.12 5.59
N LEU A 215 -6.17 2.00 5.34
CA LEU A 215 -7.25 1.94 4.37
C LEU A 215 -8.53 2.57 4.90
N LEU A 216 -8.82 2.32 6.17
CA LEU A 216 -10.08 2.71 6.81
C LEU A 216 -10.04 4.09 7.43
N SER A 217 -9.22 4.98 6.91
CA SER A 217 -9.11 6.33 7.45
C SER A 217 -10.26 7.18 6.93
N PRO A 218 -11.03 7.83 7.81
CA PRO A 218 -12.11 8.68 7.32
C PRO A 218 -11.61 9.95 6.66
N ASP A 219 -10.50 10.49 7.12
CA ASP A 219 -9.96 11.77 6.66
C ASP A 219 -9.30 11.70 5.30
N ARG A 220 -9.95 11.07 4.34
CA ARG A 220 -9.46 11.03 2.98
C ARG A 220 -10.42 11.80 2.08
N PRO A 221 -9.94 12.33 0.96
CA PRO A 221 -10.84 13.07 0.06
C PRO A 221 -11.96 12.18 -0.45
N GLY A 222 -13.19 12.68 -0.33
CA GLY A 222 -14.33 12.07 -0.95
C GLY A 222 -15.12 11.09 -0.11
N VAL A 223 -14.66 10.74 1.10
CA VAL A 223 -15.43 9.77 1.88
C VAL A 223 -16.69 10.47 2.38
N GLN A 224 -17.74 9.68 2.60
CA GLN A 224 -19.05 10.18 2.98
C GLN A 224 -19.49 9.71 4.35
N ASP A 225 -19.45 8.41 4.61
CA ASP A 225 -19.79 7.86 5.92
C ASP A 225 -18.58 7.94 6.85
N HIS A 226 -18.23 9.19 7.23
CA HIS A 226 -17.10 9.41 8.12
C HIS A 226 -17.29 8.64 9.43
N VAL A 227 -18.54 8.55 9.91
CA VAL A 227 -18.78 7.89 11.19
C VAL A 227 -18.60 6.39 11.07
N ARG A 228 -19.18 5.78 10.03
CA ARG A 228 -19.08 4.32 9.90
C ARG A 228 -17.64 3.88 9.69
N ILE A 229 -16.91 4.58 8.83
CA ILE A 229 -15.51 4.25 8.55
C ILE A 229 -14.67 4.48 9.80
N GLU A 230 -15.02 5.47 10.60
CA GLU A 230 -14.28 5.76 11.83
C GLU A 230 -14.49 4.66 12.86
N ALA A 231 -15.70 4.12 12.97
CA ALA A 231 -15.95 2.94 13.80
C ALA A 231 -14.98 1.83 13.43
N LEU A 232 -14.98 1.42 12.15
CA LEU A 232 -14.09 0.36 11.70
C LEU A 232 -12.65 0.64 12.08
N GLN A 233 -12.15 1.83 11.77
CA GLN A 233 -10.75 2.14 12.01
C GLN A 233 -10.41 2.05 13.50
N ASP A 234 -11.32 2.51 14.37
CA ASP A 234 -11.07 2.42 15.81
C ASP A 234 -11.11 0.97 16.27
N ARG A 235 -12.06 0.18 15.76
CA ARG A 235 -12.05 -1.25 16.04
C ARG A 235 -10.72 -1.88 15.63
N LEU A 236 -10.06 -1.33 14.62
CA LEU A 236 -8.79 -1.88 14.16
C LEU A 236 -7.63 -1.50 15.09
N CYS A 237 -7.63 -0.29 15.62
CA CYS A 237 -6.55 0.14 16.51
C CYS A 237 -6.68 -0.42 17.92
N ASP A 238 -7.89 -0.76 18.35
CA ASP A 238 -8.02 -1.49 19.60
C ASP A 238 -7.30 -2.82 19.51
N VAL A 239 -7.52 -3.53 18.39
CA VAL A 239 -6.86 -4.82 18.19
C VAL A 239 -5.35 -4.64 18.18
N LEU A 240 -4.85 -3.71 17.37
CA LEU A 240 -3.42 -3.48 17.27
C LEU A 240 -2.81 -3.08 18.62
N GLN A 241 -3.49 -2.25 19.40
CA GLN A 241 -2.94 -1.87 20.70
C GLN A 241 -2.93 -3.05 21.65
N ALA A 242 -4.01 -3.82 21.67
CA ALA A 242 -4.07 -5.04 22.46
C ALA A 242 -3.01 -6.03 22.02
N TYR A 243 -2.88 -6.24 20.71
CA TYR A 243 -1.93 -7.23 20.23
C TYR A 243 -0.52 -6.88 20.65
N ILE A 244 -0.08 -5.64 20.39
CA ILE A 244 1.27 -5.24 20.77
C ILE A 244 1.47 -5.44 22.27
N ARG A 245 0.57 -4.88 23.07
CA ARG A 245 0.70 -4.91 24.52
C ARG A 245 0.74 -6.34 25.07
N ILE A 246 0.09 -7.28 24.40
CA ILE A 246 -0.08 -8.62 24.93
C ILE A 246 0.79 -9.66 24.23
N GLN A 247 1.10 -9.47 22.94
CA GLN A 247 1.88 -10.45 22.20
C GLN A 247 3.22 -9.95 21.68
N HIS A 248 3.61 -8.70 21.92
CA HIS A 248 4.87 -8.19 21.38
C HIS A 248 5.80 -7.65 22.46
N PRO A 249 6.72 -8.47 22.98
CA PRO A 249 7.57 -8.04 24.11
C PRO A 249 8.51 -6.89 23.74
N GLY A 250 8.48 -5.84 24.55
CA GLY A 250 9.19 -4.62 24.22
C GLY A 250 8.51 -3.75 23.19
N GLY A 251 7.18 -3.64 23.23
CA GLY A 251 6.45 -2.78 22.32
C GLY A 251 5.76 -1.63 23.03
N ARG A 252 6.32 -1.24 24.17
CA ARG A 252 5.76 -0.18 25.00
C ARG A 252 5.54 1.10 24.21
N LEU A 253 6.42 1.38 23.24
CA LEU A 253 6.31 2.56 22.40
C LEU A 253 5.95 2.23 20.96
N LEU A 254 5.71 0.95 20.63
CA LEU A 254 5.66 0.54 19.22
C LEU A 254 4.42 1.06 18.52
N TYR A 255 3.27 1.06 19.20
CA TYR A 255 2.04 1.52 18.57
C TYR A 255 2.13 2.99 18.19
N ALA A 256 2.76 3.81 19.03
CA ALA A 256 3.03 5.20 18.65
C ALA A 256 3.90 5.26 17.40
N LYS A 257 5.01 4.52 17.39
CA LYS A 257 5.89 4.49 16.21
C LYS A 257 5.13 4.10 14.95
N MET A 258 4.09 3.28 15.08
CA MET A 258 3.30 2.89 13.92
C MET A 258 2.35 4.00 13.47
N ILE A 259 1.79 4.75 14.42
CA ILE A 259 0.88 5.83 14.04
C ILE A 259 1.66 6.96 13.36
N GLN A 260 2.88 7.21 13.83
CA GLN A 260 3.77 8.15 13.14
C GLN A 260 4.08 7.68 11.73
N LYS A 261 4.11 6.36 11.51
CA LYS A 261 4.36 5.83 10.17
C LYS A 261 3.21 6.19 9.23
N LEU A 262 1.99 6.17 9.74
CA LEU A 262 0.86 6.61 8.93
C LEU A 262 0.99 8.08 8.56
N ALA A 263 1.46 8.91 9.49
CA ALA A 263 1.72 10.31 9.19
C ALA A 263 2.72 10.44 8.05
N ASP A 264 3.86 9.74 8.16
CA ASP A 264 4.85 9.78 7.10
C ASP A 264 4.25 9.36 5.77
N LEU A 265 3.36 8.35 5.78
CA LEU A 265 2.74 7.86 4.56
C LEU A 265 1.93 8.95 3.86
N ARG A 266 1.18 9.74 4.62
CA ARG A 266 0.45 10.86 4.04
C ARG A 266 1.39 11.80 3.31
N SER A 267 2.56 12.06 3.89
CA SER A 267 3.53 12.93 3.26
C SER A 267 4.07 12.33 1.97
N LEU A 268 4.30 11.01 1.94
CA LEU A 268 4.75 10.35 0.72
C LEU A 268 3.68 10.40 -0.37
N ASN A 269 2.42 10.17 0.02
CA ASN A 269 1.27 10.32 -0.86
C ASN A 269 1.25 11.66 -1.57
N GLU A 270 1.48 12.74 -0.82
CA GLU A 270 1.48 14.06 -1.43
C GLU A 270 2.57 14.15 -2.48
N GLU A 271 3.79 13.75 -2.11
CA GLU A 271 4.92 13.88 -3.01
C GLU A 271 4.71 13.05 -4.27
N HIS A 272 4.21 11.83 -4.11
CA HIS A 272 3.90 10.99 -5.26
C HIS A 272 2.81 11.61 -6.13
N SER A 273 1.74 12.09 -5.49
CA SER A 273 0.64 12.69 -6.24
C SER A 273 1.10 13.90 -7.03
N LYS A 274 2.12 14.62 -6.53
CA LYS A 274 2.65 15.77 -7.26
C LYS A 274 3.49 15.32 -8.44
N GLN A 275 4.35 14.34 -8.24
CA GLN A 275 5.21 13.86 -9.31
C GLN A 275 4.42 13.05 -10.34
N TYR A 276 3.34 12.40 -9.93
CA TYR A 276 2.49 11.69 -10.88
C TYR A 276 1.74 12.68 -11.77
N ARG A 277 1.23 13.76 -11.17
CA ARG A 277 0.52 14.78 -11.94
C ARG A 277 1.38 15.30 -13.08
N SER A 278 2.68 15.52 -12.81
CA SER A 278 3.60 15.95 -13.87
C SER A 278 3.78 14.86 -14.92
N LEU A 279 3.90 13.60 -14.48
CA LEU A 279 4.15 12.51 -15.41
C LEU A 279 2.94 12.25 -16.31
N SER A 280 1.73 12.53 -15.84
CA SER A 280 0.52 12.20 -16.59
C SER A 280 0.00 13.35 -17.45
N PHE A 281 0.59 14.54 -17.35
CA PHE A 281 0.15 15.63 -18.22
C PHE A 281 0.94 15.67 -19.51
N GLN A 282 1.99 14.87 -19.63
CA GLN A 282 2.71 14.70 -20.87
C GLN A 282 2.32 13.36 -21.44
N PRO A 283 1.68 13.32 -22.61
CA PRO A 283 1.12 12.06 -23.10
C PRO A 283 2.16 11.05 -23.52
N GLU A 284 3.39 11.46 -23.84
CA GLU A 284 4.39 10.46 -24.22
C GLU A 284 4.74 9.57 -23.05
N HIS A 285 4.42 9.99 -21.83
CA HIS A 285 4.62 9.20 -20.64
C HIS A 285 3.34 8.56 -20.15
N SER A 286 2.24 9.30 -20.11
CA SER A 286 0.99 8.71 -19.65
C SER A 286 0.58 7.54 -20.54
N MET A 287 0.88 7.63 -21.83
CA MET A 287 0.84 6.53 -22.79
C MET A 287 1.40 5.24 -22.21
N GLN A 288 2.55 5.31 -21.55
CA GLN A 288 3.20 4.14 -21.00
C GLN A 288 2.50 3.57 -19.76
N LEU A 289 1.50 4.27 -19.19
CA LEU A 289 0.81 3.81 -17.99
C LEU A 289 -0.32 2.84 -18.33
N THR A 290 -0.83 2.12 -17.32
CA THR A 290 -1.90 1.18 -17.61
C THR A 290 -3.26 1.79 -17.30
N PRO A 291 -4.36 1.23 -17.84
CA PRO A 291 -5.68 1.84 -17.63
C PRO A 291 -6.12 1.90 -16.17
N LEU A 292 -5.83 0.86 -15.39
CA LEU A 292 -6.15 0.87 -13.97
C LEU A 292 -5.35 1.92 -13.21
N VAL A 293 -4.06 2.04 -13.51
CA VAL A 293 -3.24 3.09 -12.90
C VAL A 293 -3.80 4.47 -13.23
N LEU A 294 -4.18 4.69 -14.49
CA LEU A 294 -4.75 5.98 -14.86
C LEU A 294 -6.04 6.24 -14.10
N GLU A 295 -6.80 5.19 -13.86
CA GLU A 295 -8.09 5.32 -13.20
C GLU A 295 -7.92 5.61 -11.71
N VAL A 296 -7.16 4.75 -11.01
CA VAL A 296 -6.96 4.93 -9.57
C VAL A 296 -6.26 6.26 -9.27
N PHE A 297 -5.22 6.60 -10.05
CA PHE A 297 -4.50 7.83 -9.77
C PHE A 297 -5.08 9.00 -10.54
N GLY A 298 -6.06 8.76 -11.40
CA GLY A 298 -6.75 9.86 -12.04
C GLY A 298 -7.60 10.62 -11.06
N SER A 299 -7.95 11.84 -11.43
CA SER A 299 -8.71 12.70 -10.55
C SER A 299 -10.14 12.83 -11.06
N GLU A 300 -10.92 11.76 -10.90
CA GLU A 300 -12.26 11.73 -11.45
C GLU A 300 -13.33 11.34 -10.41
N LYS B 1 -17.79 6.53 -15.01
CA LYS B 1 -16.96 6.99 -13.90
C LYS B 1 -16.44 5.76 -13.13
N HIS B 2 -15.14 5.45 -13.26
CA HIS B 2 -14.47 4.36 -12.56
C HIS B 2 -14.91 2.97 -13.03
N LYS B 3 -14.80 2.66 -14.32
CA LYS B 3 -15.34 1.39 -14.81
C LYS B 3 -14.64 0.20 -14.18
N ILE B 4 -13.31 0.26 -14.05
CA ILE B 4 -12.54 -0.91 -13.68
C ILE B 4 -12.68 -1.24 -12.21
N LEU B 5 -12.54 -0.22 -11.35
CA LEU B 5 -12.72 -0.37 -9.91
C LEU B 5 -14.07 -0.98 -9.57
N HIS B 6 -15.14 -0.56 -10.26
CA HIS B 6 -16.46 -1.14 -10.01
C HIS B 6 -16.46 -2.64 -10.28
N ARG B 7 -15.83 -3.06 -11.37
CA ARG B 7 -15.72 -4.49 -11.68
C ARG B 7 -14.93 -5.22 -10.60
N LEU B 8 -13.69 -4.77 -10.38
CA LEU B 8 -12.82 -5.43 -9.42
C LEU B 8 -13.46 -5.52 -8.05
N LEU B 9 -14.30 -4.56 -7.69
CA LEU B 9 -15.03 -4.63 -6.44
C LEU B 9 -16.29 -5.48 -6.57
N GLN B 10 -16.32 -6.39 -7.54
CA GLN B 10 -17.47 -7.24 -7.79
C GLN B 10 -18.73 -6.41 -8.01
C4 IG0 C . 5.89 1.42 -4.74
C5 IG0 C . 5.19 2.73 -5.11
C6 IG0 C . 6.01 4.00 -4.93
C7 IG0 C . 7.13 4.20 -5.95
C8 IG0 C . 7.20 3.13 -7.05
C10 IG0 C . 8.19 5.08 -8.37
C13 IG0 C . 4.89 4.64 -11.14
C15 IG0 C . 2.54 5.18 -10.50
C17 IG0 C . 3.60 6.32 -12.46
C20 IG0 C . 9.91 0.46 -6.33
C21 IG0 C . 9.25 1.79 -6.68
C22 IG0 C . 7.13 -1.22 -4.80
C24 IG0 C . 6.87 -3.59 -4.69
C26 IG0 C . 6.65 -6.11 -4.10
C28 IG0 C . 5.17 -5.96 -4.44
C1 IG0 C . 7.24 0.69 -7.68
C11 IG0 C . 6.30 3.69 -9.29
C12 IG0 C . 6.11 4.84 -10.26
C14 IG0 C . 3.83 5.73 -11.08
C18 IG0 C . 7.90 -0.13 -4.95
C19 IG0 C . 9.40 -0.10 -5.00
C2 IG0 C . 7.71 1.73 -6.63
C23 IG0 C . 7.60 -2.50 -4.69
C25 IG0 C . 7.50 -4.96 -4.66
C29 IG0 C . 4.34 -7.08 -3.81
C3 IG0 C . 7.34 1.25 -5.19
C30 IG0 C . 4.67 -4.57 -4.03
C32 IG0 C . 5.38 -3.51 -4.85
C9 IG0 C . 7.57 3.69 -8.43
O16 IG0 C . 4.30 6.78 -10.22
O27 IG0 C . 6.84 -6.19 -2.69
O31 IG0 C . 3.30 -4.44 -4.36
#